data_9EBG
#
_entry.id   9EBG
#
_cell.length_a   83.401
_cell.length_b   83.401
_cell.length_c   58.553
_cell.angle_alpha   90.00
_cell.angle_beta   90.00
_cell.angle_gamma   120.00
#
_symmetry.space_group_name_H-M   'P 31'
#
loop_
_entity.id
_entity.type
_entity.pdbx_description
1 polymer 'Nuclear receptor coactivator 2'
2 polymer 'Estrogen receptor'
3 non-polymer (3alpha,8alpha,17beta)-androst-5-ene-3,17-diol
4 water water
#
loop_
_entity_poly.entity_id
_entity_poly.type
_entity_poly.pdbx_seq_one_letter_code
_entity_poly.pdbx_strand_id
1 'polypeptide(L)' KHKILHRLLQDSS B,D
2 'polypeptide(L)'
;ALSLTADQMVSALLDAEPPILYSEYDPTRPFSEASMMGLLTNLADRELVHMINWAKRVPGFVDLTLHDQVHLLECAWLEI
LMIGLVWRSMEHPGKLLFAPNLLLDRNQGKCVEGMVEIFDMLLATSSRFRMMNLQGEEFVCLKSIILLNSGVYTFLSSTL
KSLEEKDHIHRVLDKITDTLIHLMAKAGLTLQQQHQRLAQLLLILSHIRHMSNKGMEHLYSMKCKNVVPLYDLLLEMLDA
HRL
;
A,C
#
loop_
_chem_comp.id
_chem_comp.type
_chem_comp.name
_chem_comp.formula
B81 non-polymer (3alpha,8alpha,17beta)-androst-5-ene-3,17-diol 'C19 H30 O2'
#
# COMPACT_ATOMS: atom_id res chain seq x y z
N LYS A 3 -9.45 24.20 -2.68
CA LYS A 3 -10.51 25.20 -2.60
C LYS A 3 -11.82 24.67 -3.18
N ILE A 4 -11.72 23.96 -4.31
CA ILE A 4 -12.91 23.42 -4.96
C ILE A 4 -13.47 22.27 -4.14
N LEU A 5 -12.61 21.33 -3.72
CA LEU A 5 -13.05 20.27 -2.83
C LEU A 5 -13.60 20.84 -1.53
N HIS A 6 -13.05 21.96 -1.07
CA HIS A 6 -13.55 22.62 0.13
C HIS A 6 -15.00 23.06 -0.05
N ARG A 7 -15.32 23.65 -1.20
CA ARG A 7 -16.67 24.15 -1.44
C ARG A 7 -17.65 23.02 -1.73
N LEU A 8 -17.22 22.00 -2.47
CA LEU A 8 -18.10 20.90 -2.82
C LEU A 8 -18.47 20.04 -1.62
N LEU A 9 -17.68 20.10 -0.54
CA LEU A 9 -17.98 19.28 0.64
C LEU A 9 -19.09 19.90 1.48
N GLN A 10 -19.03 21.21 1.72
CA GLN A 10 -20.08 21.90 2.47
C GLN A 10 -21.30 22.21 1.62
N ASP A 11 -21.35 21.72 0.38
CA ASP A 11 -22.50 21.95 -0.48
C ASP A 11 -23.72 21.21 0.05
N SER A 12 -24.88 21.60 -0.46
CA SER A 12 -26.14 20.99 -0.05
C SER A 12 -26.34 19.64 -0.74
N LYS B 3 23.70 -7.23 -10.82
CA LYS B 3 23.30 -8.60 -10.53
C LYS B 3 23.95 -9.10 -9.25
N ILE B 4 23.95 -8.25 -8.21
CA ILE B 4 24.52 -8.64 -6.93
C ILE B 4 23.53 -9.49 -6.14
N LEU B 5 22.30 -9.00 -5.98
CA LEU B 5 21.26 -9.80 -5.34
C LEU B 5 21.02 -11.10 -6.09
N HIS B 6 21.13 -11.05 -7.42
CA HIS B 6 21.03 -12.26 -8.23
C HIS B 6 22.10 -13.27 -7.86
N ARG B 7 23.27 -12.81 -7.43
CA ARG B 7 24.37 -13.70 -7.05
C ARG B 7 24.27 -14.15 -5.60
N LEU B 8 23.98 -13.22 -4.67
CA LEU B 8 23.92 -13.56 -3.26
C LEU B 8 22.81 -14.55 -2.95
N LEU B 9 21.78 -14.62 -3.78
CA LEU B 9 20.73 -15.62 -3.58
C LEU B 9 21.20 -17.01 -3.96
N GLN B 10 22.08 -17.12 -4.94
CA GLN B 10 22.60 -18.41 -5.38
C GLN B 10 23.77 -18.85 -4.50
N SER C 3 -24.86 3.51 14.97
CA SER C 3 -26.24 3.22 15.29
C SER C 3 -26.83 2.21 14.32
N LEU C 4 -26.08 1.88 13.28
CA LEU C 4 -26.51 0.96 12.23
C LEU C 4 -25.96 -0.44 12.48
N THR C 5 -26.79 -1.44 12.25
CA THR C 5 -26.34 -2.82 12.31
C THR C 5 -25.56 -3.17 11.05
N ALA C 6 -25.08 -4.41 10.96
CA ALA C 6 -24.32 -4.84 9.80
C ALA C 6 -25.16 -4.76 8.53
N ASP C 7 -26.41 -5.20 8.59
CA ASP C 7 -27.27 -5.16 7.42
C ASP C 7 -27.60 -3.73 7.00
N GLN C 8 -27.83 -2.85 7.97
CA GLN C 8 -28.10 -1.46 7.64
C GLN C 8 -26.89 -0.79 7.02
N MET C 9 -25.67 -1.19 7.42
CA MET C 9 -24.47 -0.61 6.86
C MET C 9 -24.29 -1.00 5.40
N VAL C 10 -24.52 -2.28 5.08
CA VAL C 10 -24.43 -2.71 3.69
C VAL C 10 -25.50 -2.04 2.84
N SER C 11 -26.71 -1.91 3.39
CA SER C 11 -27.79 -1.27 2.65
C SER C 11 -27.49 0.19 2.37
N ALA C 12 -26.92 0.90 3.36
CA ALA C 12 -26.58 2.31 3.16
C ALA C 12 -25.47 2.47 2.14
N LEU C 13 -24.46 1.61 2.20
CA LEU C 13 -23.34 1.72 1.27
C LEU C 13 -23.77 1.41 -0.17
N LEU C 14 -24.67 0.44 -0.34
CA LEU C 14 -25.14 0.10 -1.67
C LEU C 14 -26.02 1.20 -2.25
N ASP C 15 -26.80 1.87 -1.40
CA ASP C 15 -27.67 2.94 -1.90
C ASP C 15 -26.87 4.15 -2.38
N ALA C 16 -25.68 4.37 -1.83
CA ALA C 16 -24.87 5.55 -2.12
C ALA C 16 -23.85 5.30 -3.22
N GLU C 17 -23.95 4.18 -3.93
CA GLU C 17 -22.95 3.87 -4.95
C GLU C 17 -23.00 4.91 -6.08
N PRO C 18 -21.85 5.38 -6.54
CA PRO C 18 -21.83 6.35 -7.64
C PRO C 18 -22.09 5.66 -8.96
N PRO C 19 -22.58 6.39 -9.97
CA PRO C 19 -22.90 5.77 -11.25
C PRO C 19 -21.65 5.50 -12.08
N ILE C 20 -21.85 4.73 -13.14
CA ILE C 20 -20.79 4.48 -14.12
C ILE C 20 -20.93 5.51 -15.23
N LEU C 21 -19.90 6.34 -15.39
CA LEU C 21 -19.95 7.43 -16.36
C LEU C 21 -19.46 6.96 -17.73
N TYR C 22 -19.82 7.74 -18.75
CA TYR C 22 -19.44 7.45 -20.12
C TYR C 22 -18.32 8.36 -20.57
N SER C 23 -17.58 7.90 -21.59
CA SER C 23 -16.52 8.68 -22.21
C SER C 23 -17.04 9.29 -23.50
N GLU C 24 -16.14 9.88 -24.29
CA GLU C 24 -16.53 10.52 -25.53
C GLU C 24 -16.91 9.48 -26.57
N TYR C 25 -17.99 9.75 -27.31
CA TYR C 25 -18.56 8.77 -28.22
C TYR C 25 -17.91 8.78 -29.60
N ASP C 26 -17.06 9.75 -29.91
CA ASP C 26 -16.36 9.81 -31.19
C ASP C 26 -14.96 10.34 -30.97
N PRO C 27 -14.11 9.60 -30.26
CA PRO C 27 -12.76 10.07 -29.97
C PRO C 27 -11.88 10.00 -31.22
N THR C 28 -10.66 10.51 -31.07
CA THR C 28 -9.67 10.40 -32.14
C THR C 28 -9.37 8.94 -32.39
N ARG C 29 -9.75 8.44 -33.57
CA ARG C 29 -9.66 7.01 -33.86
C ARG C 29 -8.26 6.43 -33.63
N PRO C 30 -7.17 7.05 -34.08
CA PRO C 30 -5.84 6.59 -33.64
C PRO C 30 -5.46 7.24 -32.32
N PHE C 31 -5.40 6.43 -31.27
CA PHE C 31 -5.11 6.97 -29.94
C PHE C 31 -3.70 7.52 -29.88
N SER C 32 -3.57 8.72 -29.32
CA SER C 32 -2.28 9.34 -29.07
C SER C 32 -2.09 9.51 -27.57
N GLU C 33 -0.85 9.77 -27.17
CA GLU C 33 -0.57 10.00 -25.75
C GLU C 33 -1.37 11.17 -25.21
N ALA C 34 -1.52 12.23 -26.03
CA ALA C 34 -2.30 13.38 -25.61
C ALA C 34 -3.80 13.07 -25.65
N SER C 35 -4.25 12.39 -26.70
CA SER C 35 -5.67 12.08 -26.81
C SER C 35 -6.11 11.09 -25.74
N MET C 36 -5.24 10.13 -25.40
CA MET C 36 -5.60 9.15 -24.39
C MET C 36 -5.57 9.76 -22.99
N MET C 37 -4.56 10.59 -22.71
CA MET C 37 -4.48 11.24 -21.40
C MET C 37 -5.64 12.20 -21.19
N GLY C 38 -6.09 12.88 -22.25
CA GLY C 38 -7.22 13.77 -22.13
C GLY C 38 -8.52 13.06 -21.81
N LEU C 39 -8.69 11.84 -22.34
CA LEU C 39 -9.92 11.08 -22.08
C LEU C 39 -9.95 10.61 -20.63
N LEU C 40 -8.83 10.08 -20.14
CA LEU C 40 -8.80 9.54 -18.79
C LEU C 40 -8.90 10.66 -17.75
N THR C 41 -8.27 11.80 -18.01
CA THR C 41 -8.34 12.91 -17.06
C THR C 41 -9.72 13.55 -17.06
N ASN C 42 -10.37 13.65 -18.22
CA ASN C 42 -11.72 14.20 -18.29
C ASN C 42 -12.69 13.31 -17.52
N LEU C 43 -12.51 11.99 -17.61
CA LEU C 43 -13.38 11.08 -16.89
C LEU C 43 -13.10 11.12 -15.39
N ALA C 44 -11.83 11.22 -15.00
CA ALA C 44 -11.49 11.31 -13.58
C ALA C 44 -12.04 12.60 -12.97
N ASP C 45 -12.01 13.69 -13.72
CA ASP C 45 -12.51 14.97 -13.20
C ASP C 45 -14.02 14.94 -13.02
N ARG C 46 -14.74 14.18 -13.84
CA ARG C 46 -16.18 14.06 -13.68
C ARG C 46 -16.55 13.09 -12.57
N GLU C 47 -15.75 12.04 -12.36
CA GLU C 47 -16.01 11.10 -11.29
C GLU C 47 -15.72 11.68 -9.92
N LEU C 48 -14.86 12.70 -9.84
CA LEU C 48 -14.50 13.27 -8.55
C LEU C 48 -15.70 13.94 -7.88
N VAL C 49 -16.55 14.62 -8.67
CA VAL C 49 -17.75 15.22 -8.12
C VAL C 49 -18.68 14.15 -7.55
N HIS C 50 -18.73 13.00 -8.20
CA HIS C 50 -19.59 11.91 -7.72
C HIS C 50 -19.02 11.27 -6.46
N MET C 51 -17.69 11.17 -6.36
CA MET C 51 -17.09 10.56 -5.18
C MET C 51 -17.23 11.46 -3.96
N ILE C 52 -17.16 12.77 -4.14
CA ILE C 52 -17.35 13.70 -3.03
C ILE C 52 -18.73 13.53 -2.42
N ASN C 53 -19.74 13.34 -3.26
CA ASN C 53 -21.09 13.13 -2.75
C ASN C 53 -21.29 11.72 -2.19
N TRP C 54 -20.59 10.73 -2.76
CA TRP C 54 -20.66 9.38 -2.20
C TRP C 54 -20.03 9.32 -0.82
N ALA C 55 -18.99 10.13 -0.58
CA ALA C 55 -18.31 10.12 0.72
C ALA C 55 -19.22 10.65 1.82
N LYS C 56 -20.02 11.67 1.51
CA LYS C 56 -20.91 12.25 2.52
C LYS C 56 -21.96 11.26 3.00
N ARG C 57 -22.25 10.23 2.21
CA ARG C 57 -23.24 9.22 2.60
C ARG C 57 -22.60 7.95 3.16
N VAL C 58 -21.27 7.93 3.31
CA VAL C 58 -20.60 6.84 4.00
C VAL C 58 -20.85 7.03 5.49
N PRO C 59 -21.39 6.02 6.19
CA PRO C 59 -21.76 6.20 7.60
C PRO C 59 -20.58 6.62 8.45
N GLY C 60 -20.70 7.82 9.05
CA GLY C 60 -19.67 8.35 9.92
C GLY C 60 -18.77 9.39 9.30
N PHE C 61 -18.87 9.60 7.98
CA PHE C 61 -17.97 10.55 7.32
C PHE C 61 -18.39 11.99 7.54
N VAL C 62 -19.70 12.25 7.59
CA VAL C 62 -20.18 13.61 7.80
C VAL C 62 -19.85 14.09 9.21
N ASP C 63 -19.83 13.18 10.19
CA ASP C 63 -19.56 13.54 11.57
C ASP C 63 -18.13 14.00 11.80
N LEU C 64 -17.25 13.89 10.80
CA LEU C 64 -15.90 14.41 10.92
C LEU C 64 -15.87 15.91 10.70
N THR C 65 -14.78 16.54 11.14
CA THR C 65 -14.58 17.95 10.85
C THR C 65 -14.36 18.15 9.35
N LEU C 66 -14.64 19.37 8.89
CA LEU C 66 -14.50 19.65 7.47
C LEU C 66 -13.04 19.59 7.02
N HIS C 67 -12.11 19.89 7.92
CA HIS C 67 -10.70 19.72 7.59
C HIS C 67 -10.33 18.24 7.49
N ASP C 68 -10.92 17.41 8.35
CA ASP C 68 -10.64 15.98 8.30
C ASP C 68 -11.21 15.35 7.04
N GLN C 69 -12.39 15.79 6.60
CA GLN C 69 -12.99 15.25 5.40
C GLN C 69 -12.14 15.54 4.17
N VAL C 70 -11.53 16.72 4.12
CA VAL C 70 -10.69 17.09 2.99
C VAL C 70 -9.45 16.20 2.93
N HIS C 71 -8.83 15.95 4.09
CA HIS C 71 -7.61 15.16 4.13
C HIS C 71 -7.84 13.73 3.64
N LEU C 72 -8.91 13.10 4.13
CA LEU C 72 -9.18 11.72 3.73
C LEU C 72 -9.45 11.61 2.24
N LEU C 73 -10.19 12.56 1.67
CA LEU C 73 -10.47 12.52 0.24
C LEU C 73 -9.22 12.82 -0.57
N GLU C 74 -8.32 13.65 -0.05
CA GLU C 74 -7.09 13.96 -0.78
C GLU C 74 -6.14 12.77 -0.84
N CYS C 75 -6.12 11.94 0.19
CA CYS C 75 -5.19 10.82 0.25
C CYS C 75 -5.71 9.57 -0.46
N ALA C 76 -7.01 9.47 -0.70
CA ALA C 76 -7.60 8.22 -1.19
C ALA C 76 -8.37 8.35 -2.50
N TRP C 77 -8.40 9.54 -3.12
CA TRP C 77 -9.24 9.73 -4.29
C TRP C 77 -8.80 8.84 -5.45
N LEU C 78 -7.49 8.66 -5.62
CA LEU C 78 -7.01 7.82 -6.72
C LEU C 78 -7.21 6.34 -6.41
N GLU C 79 -7.04 5.94 -5.15
CA GLU C 79 -7.32 4.55 -4.77
C GLU C 79 -8.79 4.22 -5.01
N ILE C 80 -9.68 5.17 -4.76
CA ILE C 80 -11.11 4.93 -4.92
C ILE C 80 -11.47 4.85 -6.40
N LEU C 81 -10.92 5.74 -7.22
CA LEU C 81 -11.17 5.69 -8.65
C LEU C 81 -10.62 4.40 -9.27
N MET C 82 -9.49 3.91 -8.75
CA MET C 82 -8.87 2.73 -9.32
C MET C 82 -9.64 1.46 -8.95
N ILE C 83 -10.04 1.34 -7.68
CA ILE C 83 -10.78 0.14 -7.27
C ILE C 83 -12.14 0.09 -7.95
N GLY C 84 -12.71 1.25 -8.30
CA GLY C 84 -13.94 1.26 -9.06
C GLY C 84 -13.74 0.74 -10.48
N LEU C 85 -12.64 1.13 -11.11
CA LEU C 85 -12.32 0.62 -12.44
C LEU C 85 -12.03 -0.88 -12.40
N VAL C 86 -11.30 -1.32 -11.38
CA VAL C 86 -11.00 -2.75 -11.25
C VAL C 86 -12.28 -3.56 -11.08
N TRP C 87 -13.26 -2.99 -10.38
CA TRP C 87 -14.50 -3.71 -10.12
C TRP C 87 -15.29 -3.94 -11.41
N ARG C 88 -15.52 -2.88 -12.18
CA ARG C 88 -16.32 -3.02 -13.39
C ARG C 88 -15.58 -3.72 -14.52
N SER C 89 -14.28 -3.94 -14.38
CA SER C 89 -13.49 -4.66 -15.37
C SER C 89 -13.36 -6.14 -15.06
N MET C 90 -14.07 -6.64 -14.04
CA MET C 90 -13.88 -8.02 -13.60
C MET C 90 -14.29 -9.01 -14.69
N GLU C 91 -15.46 -8.81 -15.29
CA GLU C 91 -15.97 -9.74 -16.29
C GLU C 91 -15.43 -9.46 -17.69
N HIS C 92 -14.29 -8.78 -17.80
CA HIS C 92 -13.66 -8.50 -19.09
C HIS C 92 -12.17 -8.79 -18.96
N PRO C 93 -11.76 -10.04 -19.15
CA PRO C 93 -10.34 -10.38 -19.02
C PRO C 93 -9.49 -9.66 -20.05
N GLY C 94 -8.32 -9.18 -19.59
CA GLY C 94 -7.40 -8.47 -20.46
C GLY C 94 -7.82 -7.08 -20.86
N LYS C 95 -8.98 -6.60 -20.41
CA LYS C 95 -9.46 -5.28 -20.76
C LYS C 95 -9.87 -4.52 -19.51
N LEU C 96 -9.65 -3.20 -19.54
CA LEU C 96 -10.03 -2.30 -18.46
C LEU C 96 -11.21 -1.47 -18.93
N LEU C 97 -12.35 -1.60 -18.23
CA LEU C 97 -13.57 -0.90 -18.61
C LEU C 97 -13.58 0.47 -17.93
N PHE C 98 -12.80 1.39 -18.50
CA PHE C 98 -12.82 2.77 -18.03
C PHE C 98 -14.22 3.35 -18.14
N ALA C 99 -14.92 3.01 -19.22
CA ALA C 99 -16.31 3.41 -19.44
C ALA C 99 -16.94 2.35 -20.34
N PRO C 100 -18.27 2.24 -20.32
CA PRO C 100 -18.92 1.26 -21.21
C PRO C 100 -18.58 1.46 -22.68
N ASN C 101 -18.12 2.65 -23.07
CA ASN C 101 -17.70 2.91 -24.44
C ASN C 101 -16.19 3.12 -24.54
N LEU C 102 -15.43 2.68 -23.54
CA LEU C 102 -13.96 2.81 -23.53
C LEU C 102 -13.39 1.52 -22.97
N LEU C 103 -13.16 0.55 -23.86
CA LEU C 103 -12.63 -0.77 -23.49
C LEU C 103 -11.22 -0.88 -24.05
N LEU C 104 -10.22 -0.76 -23.17
CA LEU C 104 -8.83 -0.77 -23.56
C LEU C 104 -8.11 -1.98 -22.95
N ASP C 105 -7.14 -2.51 -23.70
CA ASP C 105 -6.27 -3.56 -23.22
C ASP C 105 -4.87 -2.99 -22.96
N ARG C 106 -3.93 -3.89 -22.66
CA ARG C 106 -2.56 -3.47 -22.41
C ARG C 106 -1.86 -2.99 -23.68
N ASN C 107 -2.33 -3.42 -24.86
CA ASN C 107 -1.73 -2.95 -26.10
C ASN C 107 -2.08 -1.49 -26.36
N GLN C 108 -3.33 -1.10 -26.09
CA GLN C 108 -3.73 0.29 -26.27
C GLN C 108 -3.09 1.22 -25.25
N GLY C 109 -2.68 0.69 -24.10
CA GLY C 109 -1.97 1.50 -23.12
C GLY C 109 -0.54 1.83 -23.49
N LYS C 110 -0.01 1.20 -24.54
CA LYS C 110 1.35 1.47 -24.97
C LYS C 110 1.52 2.86 -25.59
N CYS C 111 0.42 3.54 -25.93
CA CYS C 111 0.51 4.86 -26.53
C CYS C 111 0.88 5.96 -25.54
N VAL C 112 0.79 5.68 -24.24
CA VAL C 112 1.16 6.64 -23.20
C VAL C 112 2.43 6.14 -22.52
N GLU C 113 3.42 7.02 -22.38
CA GLU C 113 4.69 6.64 -21.78
C GLU C 113 4.51 6.23 -20.34
N GLY C 114 4.97 5.02 -20.01
CA GLY C 114 4.88 4.52 -18.65
C GLY C 114 3.51 4.06 -18.21
N MET C 115 2.61 3.82 -19.14
CA MET C 115 1.24 3.43 -18.81
C MET C 115 1.04 1.93 -18.71
N VAL C 116 1.87 1.13 -19.39
CA VAL C 116 1.60 -0.29 -19.53
C VAL C 116 1.75 -1.01 -18.19
N GLU C 117 2.73 -0.61 -17.38
CA GLU C 117 2.92 -1.26 -16.09
C GLU C 117 1.74 -0.98 -15.16
N ILE C 118 1.20 0.24 -15.21
CA ILE C 118 0.01 0.55 -14.43
C ILE C 118 -1.20 -0.22 -14.96
N PHE C 119 -1.28 -0.37 -16.28
CA PHE C 119 -2.35 -1.16 -16.87
C PHE C 119 -2.27 -2.61 -16.43
N ASP C 120 -1.06 -3.19 -16.47
CA ASP C 120 -0.88 -4.58 -16.07
C ASP C 120 -1.24 -4.77 -14.60
N MET C 121 -0.87 -3.81 -13.75
CA MET C 121 -1.18 -3.92 -12.33
C MET C 121 -2.69 -3.82 -12.09
N LEU C 122 -3.38 -2.98 -12.86
CA LEU C 122 -4.82 -2.89 -12.74
C LEU C 122 -5.50 -4.17 -13.24
N LEU C 123 -5.01 -4.71 -14.37
CA LEU C 123 -5.57 -5.95 -14.87
C LEU C 123 -5.34 -7.11 -13.91
N ALA C 124 -4.18 -7.11 -13.23
CA ALA C 124 -3.88 -8.18 -12.28
C ALA C 124 -4.80 -8.12 -11.07
N THR C 125 -5.18 -6.92 -10.63
CA THR C 125 -6.13 -6.80 -9.52
C THR C 125 -7.51 -7.27 -9.94
N SER C 126 -7.91 -6.95 -11.18
CA SER C 126 -9.22 -7.40 -11.67
C SER C 126 -9.28 -8.91 -11.78
N SER C 127 -8.19 -9.55 -12.19
CA SER C 127 -8.16 -11.00 -12.29
C SER C 127 -8.21 -11.65 -10.91
N ARG C 128 -7.53 -11.05 -9.93
CA ARG C 128 -7.59 -11.57 -8.57
C ARG C 128 -8.98 -11.43 -7.98
N PHE C 129 -9.62 -10.27 -8.21
CA PHE C 129 -11.02 -10.10 -7.80
C PHE C 129 -11.90 -11.17 -8.43
N ARG C 130 -11.63 -11.51 -9.70
CA ARG C 130 -12.36 -12.59 -10.36
C ARG C 130 -12.05 -13.94 -9.72
N MET C 131 -10.80 -14.14 -9.31
CA MET C 131 -10.41 -15.44 -8.75
C MET C 131 -10.99 -15.66 -7.35
N MET C 132 -11.23 -14.58 -6.61
CA MET C 132 -11.83 -14.69 -5.28
C MET C 132 -13.34 -14.58 -5.30
N ASN C 133 -13.95 -14.37 -6.47
CA ASN C 133 -15.39 -14.23 -6.61
C ASN C 133 -15.91 -13.12 -5.69
N LEU C 134 -15.33 -11.93 -5.86
CA LEU C 134 -15.69 -10.80 -5.01
C LEU C 134 -17.13 -10.38 -5.27
N GLN C 135 -17.90 -10.20 -4.20
CA GLN C 135 -19.28 -9.79 -4.29
C GLN C 135 -19.40 -8.28 -4.13
N GLY C 136 -20.48 -7.72 -4.70
CA GLY C 136 -20.68 -6.28 -4.62
C GLY C 136 -20.83 -5.77 -3.20
N GLU C 137 -21.35 -6.60 -2.31
CA GLU C 137 -21.45 -6.21 -0.90
C GLU C 137 -20.08 -6.11 -0.25
N GLU C 138 -19.15 -6.98 -0.65
CA GLU C 138 -17.79 -6.88 -0.13
C GLU C 138 -17.04 -5.70 -0.76
N PHE C 139 -17.37 -5.38 -2.01
CA PHE C 139 -16.65 -4.32 -2.71
C PHE C 139 -16.94 -2.95 -2.09
N VAL C 140 -18.20 -2.69 -1.73
CA VAL C 140 -18.53 -1.39 -1.16
C VAL C 140 -17.94 -1.23 0.24
N CYS C 141 -17.75 -2.34 0.96
CA CYS C 141 -17.08 -2.26 2.25
C CYS C 141 -15.60 -1.93 2.08
N LEU C 142 -14.94 -2.53 1.09
CA LEU C 142 -13.53 -2.24 0.85
C LEU C 142 -13.32 -0.80 0.41
N LYS C 143 -14.27 -0.23 -0.34
CA LYS C 143 -14.13 1.16 -0.77
C LYS C 143 -14.28 2.12 0.41
N SER C 144 -15.19 1.81 1.34
CA SER C 144 -15.33 2.64 2.53
C SER C 144 -14.11 2.54 3.43
N ILE C 145 -13.49 1.36 3.49
CA ILE C 145 -12.27 1.21 4.28
C ILE C 145 -11.16 2.06 3.70
N ILE C 146 -11.02 2.07 2.38
CA ILE C 146 -9.99 2.88 1.73
C ILE C 146 -10.17 4.35 2.06
N LEU C 147 -11.41 4.83 2.02
CA LEU C 147 -11.68 6.25 2.25
C LEU C 147 -11.27 6.67 3.66
N LEU C 148 -11.46 5.79 4.63
CA LEU C 148 -11.19 6.13 6.02
C LEU C 148 -9.77 5.79 6.46
N ASN C 149 -9.11 4.83 5.81
CA ASN C 149 -7.83 4.32 6.27
C ASN C 149 -6.63 4.93 5.57
N SER C 150 -6.77 5.39 4.33
CA SER C 150 -5.61 5.82 3.55
C SER C 150 -4.92 7.02 4.17
N GLY C 151 -5.66 7.90 4.85
CA GLY C 151 -5.10 9.09 5.43
C GLY C 151 -5.10 9.16 6.94
N VAL C 152 -5.40 8.07 7.64
CA VAL C 152 -5.46 8.12 9.09
C VAL C 152 -4.06 8.30 9.69
N TYR C 153 -3.03 7.79 9.01
CA TYR C 153 -1.65 7.88 9.49
C TYR C 153 -0.90 9.02 8.82
N THR C 154 -1.58 10.13 8.56
CA THR C 154 -0.94 11.32 8.01
C THR C 154 -1.53 12.61 8.58
N PHE C 155 -2.49 12.51 9.50
CA PHE C 155 -3.10 13.69 10.10
C PHE C 155 -2.10 14.49 10.91
N LYS C 166 -8.24 10.51 14.87
CA LYS C 166 -7.64 9.19 14.71
C LYS C 166 -8.46 8.11 15.42
N ASP C 167 -8.98 8.47 16.60
CA ASP C 167 -9.68 7.47 17.41
C ASP C 167 -11.05 7.15 16.84
N HIS C 168 -11.76 8.14 16.32
CA HIS C 168 -13.10 7.90 15.79
C HIS C 168 -13.05 7.09 14.51
N ILE C 169 -12.02 7.32 13.67
CA ILE C 169 -11.92 6.61 12.41
C ILE C 169 -11.59 5.13 12.64
N HIS C 170 -10.82 4.82 13.69
CA HIS C 170 -10.54 3.42 14.00
C HIS C 170 -11.80 2.68 14.45
N ARG C 171 -12.72 3.37 15.11
CA ARG C 171 -13.94 2.72 15.56
C ARG C 171 -14.88 2.43 14.40
N VAL C 172 -14.95 3.33 13.42
CA VAL C 172 -15.72 3.06 12.22
C VAL C 172 -15.08 1.92 11.43
N LEU C 173 -13.75 1.92 11.34
CA LEU C 173 -13.05 0.87 10.61
C LEU C 173 -13.28 -0.50 11.24
N ASP C 174 -13.41 -0.56 12.57
CA ASP C 174 -13.72 -1.82 13.22
C ASP C 174 -15.13 -2.30 12.89
N LYS C 175 -16.07 -1.37 12.72
CA LYS C 175 -17.44 -1.76 12.38
C LYS C 175 -17.52 -2.31 10.97
N ILE C 176 -16.74 -1.75 10.03
CA ILE C 176 -16.70 -2.29 8.68
C ILE C 176 -16.06 -3.67 8.69
N THR C 177 -15.08 -3.90 9.58
CA THR C 177 -14.52 -5.23 9.73
C THR C 177 -15.56 -6.20 10.25
N ASP C 178 -16.36 -5.78 11.23
CA ASP C 178 -17.47 -6.61 11.70
C ASP C 178 -18.47 -6.87 10.59
N THR C 179 -18.71 -5.86 9.74
CA THR C 179 -19.67 -6.01 8.65
C THR C 179 -19.16 -7.02 7.62
N LEU C 180 -17.88 -6.95 7.26
CA LEU C 180 -17.32 -7.89 6.30
C LEU C 180 -17.35 -9.32 6.85
N ILE C 181 -17.03 -9.49 8.13
CA ILE C 181 -17.09 -10.82 8.75
C ILE C 181 -18.53 -11.33 8.75
N HIS C 182 -19.49 -10.44 9.01
CA HIS C 182 -20.89 -10.85 9.01
C HIS C 182 -21.35 -11.28 7.62
N LEU C 183 -20.80 -10.68 6.57
CA LEU C 183 -21.15 -11.08 5.21
C LEU C 183 -20.64 -12.48 4.90
N MET C 184 -19.38 -12.76 5.25
CA MET C 184 -18.82 -14.08 5.00
C MET C 184 -19.49 -15.15 5.84
N ALA C 185 -19.87 -14.81 7.09
CA ALA C 185 -20.56 -15.77 7.94
C ALA C 185 -21.94 -16.10 7.39
N LYS C 186 -22.66 -15.09 6.90
CA LYS C 186 -23.96 -15.32 6.29
C LYS C 186 -23.86 -16.01 4.93
N ALA C 187 -22.66 -16.07 4.35
CA ALA C 187 -22.43 -16.75 3.09
C ALA C 187 -22.03 -18.22 3.27
N GLY C 188 -22.07 -18.72 4.50
CA GLY C 188 -21.75 -20.12 4.77
C GLY C 188 -20.29 -20.42 4.96
N LEU C 189 -19.43 -19.40 5.09
CA LEU C 189 -18.00 -19.62 5.26
C LEU C 189 -17.69 -19.97 6.71
N THR C 190 -16.80 -20.93 6.90
CA THR C 190 -16.37 -21.30 8.24
C THR C 190 -15.51 -20.19 8.84
N LEU C 191 -15.28 -20.29 10.15
CA LEU C 191 -14.50 -19.26 10.85
C LEU C 191 -13.08 -19.17 10.30
N GLN C 192 -12.46 -20.32 10.05
CA GLN C 192 -11.13 -20.30 9.45
C GLN C 192 -11.15 -19.65 8.08
N GLN C 193 -12.17 -19.96 7.27
CA GLN C 193 -12.32 -19.29 5.98
C GLN C 193 -12.54 -17.80 6.15
N GLN C 194 -13.09 -17.38 7.30
CA GLN C 194 -13.46 -15.98 7.48
C GLN C 194 -12.23 -15.10 7.66
N HIS C 195 -11.29 -15.49 8.52
CA HIS C 195 -10.08 -14.68 8.65
C HIS C 195 -9.17 -14.85 7.44
N GLN C 196 -9.22 -16.01 6.78
CA GLN C 196 -8.40 -16.20 5.59
C GLN C 196 -8.86 -15.31 4.44
N ARG C 197 -10.17 -15.20 4.24
CA ARG C 197 -10.68 -14.34 3.19
C ARG C 197 -10.55 -12.87 3.55
N LEU C 198 -10.76 -12.53 4.83
CA LEU C 198 -10.60 -11.14 5.27
C LEU C 198 -9.18 -10.67 5.04
N ALA C 199 -8.19 -11.54 5.31
CA ALA C 199 -6.80 -11.17 5.09
C ALA C 199 -6.48 -11.01 3.61
N GLN C 200 -7.08 -11.86 2.77
CA GLN C 200 -6.82 -11.76 1.33
C GLN C 200 -7.38 -10.47 0.76
N LEU C 201 -8.53 -10.01 1.26
CA LEU C 201 -9.09 -8.75 0.79
C LEU C 201 -8.25 -7.56 1.26
N LEU C 202 -7.83 -7.56 2.52
CA LEU C 202 -7.10 -6.43 3.07
C LEU C 202 -5.68 -6.36 2.54
N LEU C 203 -5.11 -7.50 2.11
CA LEU C 203 -3.78 -7.47 1.50
C LEU C 203 -3.83 -6.88 0.11
N ILE C 204 -4.96 -7.04 -0.60
CA ILE C 204 -5.12 -6.39 -1.89
C ILE C 204 -5.11 -4.87 -1.74
N LEU C 205 -5.61 -4.36 -0.61
CA LEU C 205 -5.59 -2.92 -0.36
C LEU C 205 -4.17 -2.37 -0.36
N SER C 206 -3.18 -3.21 0.00
CA SER C 206 -1.79 -2.76 -0.06
C SER C 206 -1.34 -2.59 -1.51
N HIS C 207 -1.82 -3.44 -2.41
CA HIS C 207 -1.47 -3.30 -3.82
C HIS C 207 -2.20 -2.11 -4.45
N ILE C 208 -3.44 -1.87 -4.04
CA ILE C 208 -4.18 -0.72 -4.55
C ILE C 208 -3.52 0.58 -4.10
N ARG C 209 -3.03 0.62 -2.86
CA ARG C 209 -2.27 1.78 -2.39
C ARG C 209 -0.99 1.95 -3.21
N HIS C 210 -0.33 0.84 -3.55
CA HIS C 210 0.87 0.91 -4.37
C HIS C 210 0.55 1.39 -5.78
N MET C 211 -0.62 1.00 -6.31
CA MET C 211 -1.00 1.43 -7.65
C MET C 211 -1.29 2.92 -7.71
N SER C 212 -1.95 3.45 -6.67
CA SER C 212 -2.22 4.89 -6.64
C SER C 212 -0.93 5.69 -6.50
N ASN C 213 0.07 5.17 -5.77
CA ASN C 213 1.35 5.85 -5.68
C ASN C 213 2.02 5.95 -7.04
N LYS C 214 2.06 4.84 -7.78
CA LYS C 214 2.68 4.85 -9.10
C LYS C 214 1.88 5.69 -10.08
N GLY C 215 0.54 5.66 -9.98
CA GLY C 215 -0.27 6.49 -10.83
C GLY C 215 -0.18 7.96 -10.52
N MET C 216 0.06 8.31 -9.25
CA MET C 216 0.22 9.71 -8.87
C MET C 216 1.48 10.30 -9.49
N GLU C 217 2.58 9.53 -9.50
CA GLU C 217 3.80 10.01 -10.12
C GLU C 217 3.65 10.11 -11.63
N HIS C 218 2.88 9.20 -12.24
CA HIS C 218 2.69 9.25 -13.70
C HIS C 218 1.91 10.49 -14.10
N LEU C 219 0.81 10.78 -13.39
CA LEU C 219 0.05 11.99 -13.68
C LEU C 219 0.89 13.24 -13.48
N TYR C 220 1.74 13.24 -12.45
CA TYR C 220 2.64 14.36 -12.22
C TYR C 220 3.62 14.54 -13.38
N SER C 221 4.16 13.43 -13.88
CA SER C 221 5.11 13.51 -14.99
C SER C 221 4.41 13.94 -16.28
N MET C 222 3.17 13.50 -16.48
CA MET C 222 2.42 13.92 -17.66
C MET C 222 2.03 15.38 -17.61
N LYS C 223 1.95 15.98 -16.42
CA LYS C 223 1.72 17.41 -16.32
C LYS C 223 2.95 18.20 -16.75
N CYS C 224 4.14 17.66 -16.49
CA CYS C 224 5.37 18.31 -16.95
C CYS C 224 5.47 18.27 -18.47
N LYS C 225 5.05 17.16 -19.09
CA LYS C 225 4.94 17.15 -20.54
C LYS C 225 3.71 17.91 -21.04
N ASN C 226 3.01 18.61 -20.13
CA ASN C 226 1.86 19.45 -20.47
C ASN C 226 0.77 18.65 -21.18
N VAL C 227 0.57 17.39 -20.76
CA VAL C 227 -0.47 16.56 -21.35
C VAL C 227 -1.78 16.63 -20.57
N VAL C 228 -1.74 16.97 -19.29
CA VAL C 228 -2.94 17.07 -18.46
C VAL C 228 -3.66 18.38 -18.78
N PRO C 229 -4.92 18.33 -19.24
CA PRO C 229 -5.66 19.56 -19.47
C PRO C 229 -5.97 20.31 -18.18
N LEU C 230 -6.60 21.48 -18.30
CA LEU C 230 -6.87 22.34 -17.14
C LEU C 230 -8.15 21.88 -16.44
N TYR C 231 -8.07 20.71 -15.82
CA TYR C 231 -9.14 20.17 -14.99
C TYR C 231 -8.84 20.56 -13.55
N ASP C 232 -9.53 21.60 -13.07
CA ASP C 232 -9.13 22.25 -11.83
C ASP C 232 -9.28 21.32 -10.62
N LEU C 233 -10.39 20.59 -10.53
CA LEU C 233 -10.58 19.70 -9.39
C LEU C 233 -9.54 18.59 -9.38
N LEU C 234 -9.33 17.94 -10.54
CA LEU C 234 -8.32 16.89 -10.62
C LEU C 234 -6.94 17.44 -10.32
N LEU C 235 -6.61 18.62 -10.84
CA LEU C 235 -5.32 19.23 -10.53
C LEU C 235 -5.22 19.56 -9.04
N GLU C 236 -6.33 19.95 -8.43
CA GLU C 236 -6.33 20.23 -6.99
C GLU C 236 -6.06 18.96 -6.19
N MET C 237 -6.69 17.85 -6.57
CA MET C 237 -6.42 16.58 -5.89
C MET C 237 -4.98 16.15 -6.10
N LEU C 238 -4.47 16.27 -7.32
CA LEU C 238 -3.09 15.92 -7.59
C LEU C 238 -2.11 16.86 -6.90
N ASP C 239 -2.48 18.14 -6.77
CA ASP C 239 -1.62 19.10 -6.07
C ASP C 239 -1.46 18.74 -4.60
N ALA C 240 -2.43 18.03 -4.02
CA ALA C 240 -2.35 17.69 -2.61
C ALA C 240 -1.23 16.70 -2.31
N HIS C 241 -0.66 16.07 -3.34
CA HIS C 241 0.43 15.12 -3.17
C HIS C 241 1.77 15.67 -3.62
N ARG C 242 1.82 16.92 -4.06
CA ARG C 242 3.08 17.52 -4.51
C ARG C 242 3.82 18.17 -3.35
N SER D 3 4.05 -27.33 5.68
CA SER D 3 4.43 -28.54 6.41
C SER D 3 4.56 -28.27 7.90
N LEU D 4 5.09 -27.09 8.24
CA LEU D 4 5.30 -26.72 9.63
C LEU D 4 3.99 -26.31 10.29
N THR D 5 3.96 -26.42 11.62
CA THR D 5 2.81 -26.03 12.40
C THR D 5 2.81 -24.53 12.64
N ALA D 6 1.80 -24.04 13.36
CA ALA D 6 1.74 -22.62 13.68
C ALA D 6 2.88 -22.21 14.60
N ASP D 7 3.15 -23.02 15.65
CA ASP D 7 4.25 -22.71 16.54
C ASP D 7 5.60 -22.98 15.88
N GLN D 8 5.67 -23.98 15.01
CA GLN D 8 6.89 -24.17 14.21
C GLN D 8 7.11 -23.00 13.27
N MET D 9 6.02 -22.37 12.80
CA MET D 9 6.15 -21.18 11.96
C MET D 9 6.74 -20.02 12.74
N VAL D 10 6.29 -19.82 13.98
CA VAL D 10 6.77 -18.70 14.78
C VAL D 10 8.22 -18.91 15.19
N SER D 11 8.55 -20.11 15.66
CA SER D 11 9.91 -20.38 16.11
C SER D 11 10.91 -20.25 14.97
N ALA D 12 10.53 -20.70 13.77
CA ALA D 12 11.42 -20.58 12.63
C ALA D 12 11.63 -19.11 12.25
N LEU D 13 10.57 -18.30 12.33
CA LEU D 13 10.70 -16.89 12.03
C LEU D 13 11.52 -16.16 13.08
N LEU D 14 11.35 -16.54 14.36
CA LEU D 14 12.15 -15.94 15.41
C LEU D 14 13.61 -16.35 15.31
N ASP D 15 13.88 -17.55 14.78
CA ASP D 15 15.25 -18.01 14.66
C ASP D 15 16.02 -17.26 13.59
N ALA D 16 15.34 -16.83 12.53
CA ALA D 16 15.99 -16.22 11.38
C ALA D 16 16.09 -14.70 11.49
N GLU D 17 15.77 -14.12 12.64
CA GLU D 17 15.73 -12.67 12.77
C GLU D 17 17.13 -12.09 12.54
N PRO D 18 17.26 -11.07 11.70
CA PRO D 18 18.57 -10.46 11.47
C PRO D 18 19.01 -9.65 12.67
N PRO D 19 20.30 -9.45 12.84
CA PRO D 19 20.79 -8.66 13.99
C PRO D 19 20.50 -7.17 13.81
N ILE D 20 20.77 -6.43 14.88
CA ILE D 20 20.64 -4.99 14.89
C ILE D 20 22.03 -4.40 14.70
N LEU D 21 22.30 -3.87 13.52
CA LEU D 21 23.63 -3.34 13.20
C LEU D 21 23.82 -1.97 13.85
N TYR D 22 25.04 -1.46 13.73
CA TYR D 22 25.41 -0.18 14.32
C TYR D 22 25.80 0.81 13.23
N SER D 23 25.80 2.08 13.62
CA SER D 23 26.26 3.16 12.76
C SER D 23 27.68 3.54 13.15
N GLU D 24 28.19 4.62 12.54
CA GLU D 24 29.53 5.09 12.85
C GLU D 24 29.57 5.68 14.27
N TYR D 25 30.64 5.36 15.00
CA TYR D 25 30.73 5.74 16.40
C TYR D 25 31.15 7.19 16.62
N ASP D 26 31.56 7.90 15.57
CA ASP D 26 31.93 9.31 15.68
C ASP D 26 31.70 10.00 14.35
N PRO D 27 30.44 10.22 13.98
CA PRO D 27 30.13 10.93 12.74
C PRO D 27 30.34 12.44 12.92
N THR D 28 30.03 13.19 11.86
CA THR D 28 30.08 14.64 11.92
C THR D 28 29.14 15.13 13.01
N ARG D 29 29.69 15.85 14.00
CA ARG D 29 28.90 16.17 15.19
C ARG D 29 27.72 17.08 14.86
N PRO D 30 27.88 18.21 14.15
CA PRO D 30 26.69 18.85 13.58
C PRO D 30 26.25 18.09 12.34
N PHE D 31 25.07 17.49 12.39
CA PHE D 31 24.59 16.68 11.28
C PHE D 31 24.33 17.55 10.05
N SER D 32 24.77 17.08 8.90
CA SER D 32 24.51 17.72 7.61
C SER D 32 23.61 16.83 6.77
N GLU D 33 23.16 17.38 5.64
CA GLU D 33 22.30 16.60 4.75
C GLU D 33 23.05 15.41 4.14
N ALA D 34 24.29 15.63 3.71
CA ALA D 34 25.07 14.55 3.11
C ALA D 34 25.54 13.57 4.18
N SER D 35 25.97 14.08 5.34
CA SER D 35 26.43 13.21 6.42
C SER D 35 25.30 12.34 6.96
N MET D 36 24.08 12.87 7.01
CA MET D 36 22.95 12.08 7.47
C MET D 36 22.60 10.98 6.46
N MET D 37 22.45 11.34 5.19
CA MET D 37 22.12 10.36 4.17
C MET D 37 23.24 9.33 4.00
N GLY D 38 24.48 9.73 4.27
CA GLY D 38 25.57 8.76 4.22
C GLY D 38 25.45 7.71 5.30
N LEU D 39 25.10 8.12 6.52
CA LEU D 39 24.94 7.16 7.61
C LEU D 39 23.76 6.24 7.35
N LEU D 40 22.68 6.76 6.77
CA LEU D 40 21.49 5.94 6.53
C LEU D 40 21.72 4.95 5.40
N THR D 41 22.38 5.38 4.32
CA THR D 41 22.62 4.49 3.20
C THR D 41 23.69 3.46 3.52
N ASN D 42 24.70 3.83 4.32
CA ASN D 42 25.70 2.87 4.75
C ASN D 42 25.06 1.79 5.62
N LEU D 43 24.15 2.18 6.52
CA LEU D 43 23.46 1.21 7.36
C LEU D 43 22.56 0.31 6.53
N ALA D 44 21.78 0.91 5.61
CA ALA D 44 20.84 0.11 4.82
C ALA D 44 21.58 -0.88 3.93
N ASP D 45 22.71 -0.47 3.36
CA ASP D 45 23.46 -1.39 2.51
C ASP D 45 24.00 -2.57 3.30
N ARG D 46 24.37 -2.36 4.57
CA ARG D 46 24.82 -3.48 5.39
C ARG D 46 23.65 -4.34 5.84
N GLU D 47 22.49 -3.72 6.08
CA GLU D 47 21.30 -4.50 6.47
C GLU D 47 20.80 -5.37 5.33
N LEU D 48 20.96 -4.91 4.08
CA LEU D 48 20.45 -5.66 2.94
C LEU D 48 21.12 -7.02 2.81
N VAL D 49 22.40 -7.12 3.20
CA VAL D 49 23.08 -8.41 3.15
C VAL D 49 22.44 -9.39 4.14
N HIS D 50 22.08 -8.90 5.33
CA HIS D 50 21.44 -9.76 6.32
C HIS D 50 20.01 -10.10 5.93
N MET D 51 19.35 -9.22 5.17
CA MET D 51 17.98 -9.49 4.75
C MET D 51 17.93 -10.61 3.73
N ILE D 52 18.89 -10.65 2.80
CA ILE D 52 18.93 -11.70 1.79
C ILE D 52 19.07 -13.07 2.45
N ASN D 53 19.90 -13.17 3.48
CA ASN D 53 20.03 -14.43 4.21
C ASN D 53 18.79 -14.73 5.02
N TRP D 54 18.13 -13.69 5.56
CA TRP D 54 16.89 -13.90 6.29
C TRP D 54 15.77 -14.38 5.37
N ALA D 55 15.70 -13.81 4.16
CA ALA D 55 14.65 -14.18 3.23
C ALA D 55 14.74 -15.65 2.85
N LYS D 56 15.96 -16.18 2.73
CA LYS D 56 16.13 -17.59 2.42
C LYS D 56 15.61 -18.50 3.51
N ARG D 57 15.45 -17.98 4.73
CA ARG D 57 14.96 -18.78 5.85
C ARG D 57 13.46 -18.65 6.08
N VAL D 58 12.81 -17.70 5.40
CA VAL D 58 11.36 -17.58 5.48
C VAL D 58 10.75 -18.84 4.88
N PRO D 59 9.93 -19.57 5.64
CA PRO D 59 9.40 -20.84 5.13
C PRO D 59 8.61 -20.65 3.85
N GLY D 60 9.00 -21.41 2.82
CA GLY D 60 8.37 -21.34 1.52
C GLY D 60 9.08 -20.48 0.51
N PHE D 61 10.10 -19.72 0.93
CA PHE D 61 10.78 -18.82 0.01
C PHE D 61 11.72 -19.57 -0.94
N VAL D 62 12.41 -20.61 -0.44
CA VAL D 62 13.33 -21.36 -1.28
C VAL D 62 12.60 -22.17 -2.34
N ASP D 63 11.30 -22.42 -2.17
CA ASP D 63 10.55 -23.19 -3.14
C ASP D 63 10.29 -22.43 -4.43
N LEU D 64 10.49 -21.11 -4.45
CA LEU D 64 10.26 -20.32 -5.64
C LEU D 64 11.45 -20.40 -6.58
N THR D 65 11.20 -20.13 -7.86
CA THR D 65 12.28 -20.02 -8.83
C THR D 65 13.15 -18.81 -8.51
N LEU D 66 14.33 -18.78 -9.12
CA LEU D 66 15.29 -17.72 -8.82
C LEU D 66 14.77 -16.36 -9.28
N HIS D 67 14.11 -16.30 -10.44
CA HIS D 67 13.59 -15.03 -10.92
C HIS D 67 12.38 -14.58 -10.10
N ASP D 68 11.66 -15.52 -9.48
CA ASP D 68 10.59 -15.15 -8.57
C ASP D 68 11.14 -14.69 -7.22
N GLN D 69 12.30 -15.21 -6.81
CA GLN D 69 12.91 -14.78 -5.56
C GLN D 69 13.40 -13.35 -5.64
N VAL D 70 14.06 -12.99 -6.75
CA VAL D 70 14.58 -11.63 -6.88
C VAL D 70 13.44 -10.63 -6.95
N HIS D 71 12.38 -10.94 -7.72
CA HIS D 71 11.30 -9.98 -7.90
C HIS D 71 10.65 -9.60 -6.58
N LEU D 72 10.47 -10.58 -5.68
CA LEU D 72 9.88 -10.28 -4.39
C LEU D 72 10.80 -9.44 -3.52
N LEU D 73 12.12 -9.61 -3.67
CA LEU D 73 13.05 -8.88 -2.82
C LEU D 73 13.23 -7.43 -3.28
N GLU D 74 13.36 -7.20 -4.59
CA GLU D 74 13.41 -5.82 -5.08
C GLU D 74 12.09 -5.08 -4.85
N CYS D 75 10.99 -5.81 -4.69
CA CYS D 75 9.70 -5.16 -4.47
C CYS D 75 9.52 -4.72 -3.01
N ALA D 76 10.09 -5.45 -2.05
CA ALA D 76 9.77 -5.25 -0.65
C ALA D 76 10.97 -4.95 0.23
N TRP D 77 12.15 -4.67 -0.36
CA TRP D 77 13.34 -4.48 0.46
C TRP D 77 13.22 -3.25 1.35
N LEU D 78 12.61 -2.18 0.84
CA LEU D 78 12.47 -0.97 1.65
C LEU D 78 11.37 -1.10 2.69
N GLU D 79 10.30 -1.83 2.37
CA GLU D 79 9.25 -2.07 3.36
C GLU D 79 9.79 -2.86 4.55
N ILE D 80 10.61 -3.88 4.29
CA ILE D 80 11.15 -4.71 5.36
C ILE D 80 12.10 -3.91 6.23
N LEU D 81 12.96 -3.11 5.61
CA LEU D 81 13.88 -2.27 6.39
C LEU D 81 13.11 -1.25 7.21
N MET D 82 12.00 -0.74 6.68
CA MET D 82 11.23 0.29 7.38
C MET D 82 10.44 -0.30 8.54
N ILE D 83 9.82 -1.46 8.34
CA ILE D 83 9.07 -2.09 9.43
C ILE D 83 10.01 -2.58 10.52
N GLY D 84 11.26 -2.93 10.15
CA GLY D 84 12.24 -3.27 11.16
C GLY D 84 12.63 -2.08 12.02
N LEU D 85 12.81 -0.92 11.39
CA LEU D 85 13.11 0.30 12.14
C LEU D 85 11.94 0.69 13.03
N VAL D 86 10.72 0.57 12.53
CA VAL D 86 9.53 0.93 13.31
C VAL D 86 9.42 0.01 14.52
N TRP D 87 9.81 -1.26 14.38
CA TRP D 87 9.69 -2.21 15.48
C TRP D 87 10.63 -1.84 16.63
N ARG D 88 11.92 -1.61 16.33
CA ARG D 88 12.86 -1.27 17.38
C ARG D 88 12.70 0.16 17.88
N SER D 89 11.90 0.99 17.20
CA SER D 89 11.58 2.32 17.67
C SER D 89 10.29 2.34 18.49
N MET D 90 9.74 1.18 18.83
CA MET D 90 8.46 1.13 19.51
C MET D 90 8.56 1.75 20.90
N GLU D 91 9.56 1.35 21.69
CA GLU D 91 9.73 1.82 23.05
C GLU D 91 10.47 3.15 23.14
N HIS D 92 10.42 3.97 22.09
CA HIS D 92 11.06 5.29 22.09
C HIS D 92 10.11 6.27 21.44
N PRO D 93 9.19 6.85 22.20
CA PRO D 93 8.20 7.77 21.62
C PRO D 93 8.87 9.02 21.05
N GLY D 94 8.45 9.39 19.85
CA GLY D 94 9.02 10.55 19.18
C GLY D 94 10.43 10.37 18.69
N LYS D 95 10.97 9.16 18.72
CA LYS D 95 12.33 8.89 18.29
C LYS D 95 12.35 7.66 17.38
N LEU D 96 13.35 7.61 16.51
CA LEU D 96 13.53 6.51 15.57
C LEU D 96 14.86 5.83 15.84
N LEU D 97 14.83 4.56 16.23
CA LEU D 97 16.04 3.79 16.51
C LEU D 97 16.58 3.23 15.21
N PHE D 98 17.27 4.09 14.45
CA PHE D 98 17.98 3.60 13.27
C PHE D 98 19.10 2.65 13.67
N ALA D 99 19.80 2.99 14.75
CA ALA D 99 20.83 2.12 15.33
C ALA D 99 20.87 2.43 16.82
N PRO D 100 21.39 1.50 17.64
CA PRO D 100 21.54 1.79 19.07
C PRO D 100 22.35 3.03 19.35
N ASN D 101 23.28 3.39 18.46
CA ASN D 101 24.08 4.60 18.58
C ASN D 101 23.58 5.71 17.66
N LEU D 102 22.38 5.57 17.07
CA LEU D 102 21.80 6.58 16.20
C LEU D 102 20.30 6.68 16.50
N LEU D 103 19.98 7.24 17.66
CA LEU D 103 18.60 7.50 18.07
C LEU D 103 18.23 8.91 17.62
N LEU D 104 17.54 9.01 16.49
CA LEU D 104 17.21 10.29 15.89
C LEU D 104 15.79 10.70 16.25
N ASP D 105 15.61 12.00 16.52
CA ASP D 105 14.32 12.55 16.86
C ASP D 105 13.64 13.11 15.60
N ARG D 106 12.45 13.67 15.78
CA ARG D 106 11.69 14.19 14.64
C ARG D 106 12.35 15.44 14.07
N ASN D 107 12.84 16.33 14.94
CA ASN D 107 13.42 17.59 14.46
C ASN D 107 14.74 17.36 13.74
N GLN D 108 15.50 16.33 14.14
CA GLN D 108 16.76 16.03 13.46
C GLN D 108 16.56 15.51 12.05
N GLY D 109 15.35 15.05 11.71
CA GLY D 109 15.07 14.63 10.36
C GLY D 109 14.99 15.75 9.35
N LYS D 110 14.92 17.00 9.80
CA LYS D 110 14.82 18.15 8.91
C LYS D 110 16.15 18.51 8.25
N CYS D 111 17.24 17.82 8.59
CA CYS D 111 18.53 18.11 7.96
C CYS D 111 18.55 17.68 6.50
N VAL D 112 17.73 16.71 6.12
CA VAL D 112 17.59 16.28 4.74
C VAL D 112 16.29 16.85 4.19
N GLU D 113 16.37 17.52 3.03
CA GLU D 113 15.20 18.16 2.46
C GLU D 113 14.15 17.13 2.07
N GLY D 114 12.90 17.43 2.37
CA GLY D 114 11.80 16.53 2.03
C GLY D 114 11.85 15.20 2.73
N MET D 115 12.42 15.14 3.93
CA MET D 115 12.58 13.88 4.65
C MET D 115 11.72 13.78 5.90
N VAL D 116 11.47 14.91 6.58
CA VAL D 116 10.68 14.88 7.81
C VAL D 116 9.26 14.37 7.57
N GLU D 117 8.77 14.48 6.34
CA GLU D 117 7.46 13.90 6.02
C GLU D 117 7.47 12.39 6.18
N ILE D 118 8.59 11.75 5.83
CA ILE D 118 8.71 10.31 6.03
C ILE D 118 9.03 9.99 7.49
N PHE D 119 9.80 10.84 8.15
CA PHE D 119 10.04 10.67 9.59
C PHE D 119 8.73 10.62 10.37
N ASP D 120 7.81 11.53 10.06
CA ASP D 120 6.54 11.56 10.77
C ASP D 120 5.69 10.33 10.45
N MET D 121 5.76 9.84 9.22
CA MET D 121 5.01 8.64 8.87
C MET D 121 5.57 7.41 9.57
N LEU D 122 6.89 7.34 9.72
CA LEU D 122 7.49 6.21 10.42
C LEU D 122 7.21 6.28 11.91
N LEU D 123 7.22 7.48 12.48
CA LEU D 123 6.94 7.63 13.91
C LEU D 123 5.49 7.32 14.23
N ALA D 124 4.57 7.70 13.33
CA ALA D 124 3.16 7.38 13.54
C ALA D 124 2.94 5.87 13.49
N THR D 125 3.65 5.18 12.59
CA THR D 125 3.56 3.73 12.54
C THR D 125 4.08 3.11 13.84
N SER D 126 5.17 3.64 14.38
CA SER D 126 5.69 3.13 15.64
C SER D 126 4.77 3.47 16.80
N SER D 127 4.12 4.64 16.76
CA SER D 127 3.19 5.00 17.82
C SER D 127 1.95 4.11 17.83
N ARG D 128 1.56 3.57 16.67
CA ARG D 128 0.39 2.70 16.61
C ARG D 128 0.73 1.29 17.09
N PHE D 129 1.89 0.76 16.70
CA PHE D 129 2.32 -0.53 17.24
C PHE D 129 2.40 -0.50 18.75
N ARG D 130 2.86 0.62 19.31
CA ARG D 130 2.89 0.78 20.76
C ARG D 130 1.49 0.80 21.34
N MET D 131 0.54 1.40 20.63
CA MET D 131 -0.82 1.51 21.15
C MET D 131 -1.51 0.14 21.19
N MET D 132 -1.31 -0.68 20.16
CA MET D 132 -1.87 -2.01 20.14
C MET D 132 -1.00 -3.04 20.83
N ASN D 133 0.13 -2.63 21.40
CA ASN D 133 1.06 -3.51 22.10
C ASN D 133 1.43 -4.71 21.22
N LEU D 134 2.10 -4.39 20.11
CA LEU D 134 2.48 -5.41 19.15
C LEU D 134 3.50 -6.37 19.76
N GLN D 135 3.26 -7.66 19.60
CA GLN D 135 4.15 -8.69 20.11
C GLN D 135 5.20 -9.06 19.06
N GLY D 136 6.34 -9.54 19.53
CA GLY D 136 7.41 -9.91 18.63
C GLY D 136 7.03 -11.04 17.68
N GLU D 137 6.17 -11.95 18.12
CA GLU D 137 5.71 -13.02 17.24
C GLU D 137 4.79 -12.48 16.15
N GLU D 138 3.99 -11.45 16.46
CA GLU D 138 3.18 -10.82 15.42
C GLU D 138 4.05 -10.04 14.45
N PHE D 139 5.15 -9.45 14.93
CA PHE D 139 5.99 -8.63 14.07
C PHE D 139 6.71 -9.46 13.01
N VAL D 140 7.27 -10.61 13.41
CA VAL D 140 7.95 -11.45 12.44
C VAL D 140 6.96 -12.04 11.44
N CYS D 141 5.69 -12.18 11.83
CA CYS D 141 4.67 -12.64 10.91
C CYS D 141 4.37 -11.59 9.85
N LEU D 142 4.18 -10.33 10.29
CA LEU D 142 3.89 -9.26 9.34
C LEU D 142 5.07 -9.01 8.40
N LYS D 143 6.29 -9.16 8.90
CA LYS D 143 7.46 -8.95 8.06
C LYS D 143 7.53 -9.99 6.95
N SER D 144 7.13 -11.23 7.25
CA SER D 144 7.12 -12.27 6.22
C SER D 144 5.98 -12.07 5.23
N ILE D 145 4.84 -11.55 5.70
CA ILE D 145 3.73 -11.23 4.79
C ILE D 145 4.18 -10.19 3.78
N ILE D 146 4.94 -9.20 4.23
CA ILE D 146 5.43 -8.15 3.33
C ILE D 146 6.30 -8.76 2.24
N LEU D 147 7.18 -9.70 2.61
CA LEU D 147 8.10 -10.27 1.64
C LEU D 147 7.36 -11.05 0.55
N LEU D 148 6.29 -11.75 0.91
CA LEU D 148 5.59 -12.60 -0.04
C LEU D 148 4.48 -11.88 -0.79
N ASN D 149 3.89 -10.85 -0.20
CA ASN D 149 2.72 -10.20 -0.78
C ASN D 149 3.02 -8.93 -1.55
N SER D 150 4.11 -8.23 -1.22
CA SER D 150 4.37 -6.94 -1.84
C SER D 150 4.72 -7.03 -3.32
N GLY D 151 4.99 -8.22 -3.84
CA GLY D 151 5.38 -8.35 -5.23
C GLY D 151 4.58 -9.35 -6.03
N VAL D 152 3.42 -9.75 -5.51
CA VAL D 152 2.63 -10.76 -6.20
C VAL D 152 1.90 -10.14 -7.40
N TYR D 153 1.33 -8.95 -7.24
CA TYR D 153 0.63 -8.28 -8.32
C TYR D 153 1.40 -7.08 -8.86
N THR D 154 2.63 -6.88 -8.41
CA THR D 154 3.41 -5.69 -8.76
C THR D 154 4.16 -5.90 -10.07
N PHE D 155 4.00 -4.95 -10.98
CA PHE D 155 4.74 -4.92 -12.25
C PHE D 155 5.77 -3.79 -12.15
N LEU D 156 7.02 -4.15 -11.88
CA LEU D 156 8.07 -3.15 -11.71
C LEU D 156 8.35 -2.46 -13.04
N SER D 157 8.64 -1.16 -12.97
CA SER D 157 8.85 -0.37 -14.18
C SER D 157 10.12 -0.80 -14.91
N SER D 158 11.13 -1.25 -14.18
CA SER D 158 12.39 -1.66 -14.81
C SER D 158 12.28 -3.01 -15.52
N THR D 159 11.19 -3.75 -15.33
CA THR D 159 11.10 -5.10 -15.86
C THR D 159 9.80 -5.35 -16.60
N LEU D 160 8.75 -4.59 -16.28
CA LEU D 160 7.43 -4.70 -16.89
C LEU D 160 6.82 -6.09 -16.73
N LYS D 161 7.27 -6.86 -15.75
CA LYS D 161 6.73 -8.18 -15.46
C LYS D 161 6.45 -8.30 -13.97
N SER D 162 5.73 -9.37 -13.61
CA SER D 162 5.31 -9.57 -12.23
C SER D 162 5.74 -10.97 -11.78
N LEU D 163 5.06 -11.48 -10.75
CA LEU D 163 5.38 -12.77 -10.17
C LEU D 163 4.69 -13.88 -10.95
N GLU D 164 5.34 -15.05 -10.99
CA GLU D 164 4.82 -16.20 -11.72
C GLU D 164 4.00 -17.12 -10.82
N GLU D 165 4.64 -17.72 -9.81
CA GLU D 165 3.98 -18.66 -8.91
C GLU D 165 3.00 -17.92 -8.00
N LYS D 166 1.84 -17.56 -8.57
CA LYS D 166 0.82 -16.86 -7.79
C LYS D 166 0.16 -17.79 -6.78
N ASP D 167 -0.18 -19.01 -7.22
CA ASP D 167 -0.96 -19.92 -6.37
C ASP D 167 -0.15 -20.36 -5.14
N HIS D 168 1.16 -20.53 -5.31
CA HIS D 168 1.98 -20.99 -4.19
C HIS D 168 2.09 -19.92 -3.10
N ILE D 169 2.17 -18.65 -3.51
CA ILE D 169 2.34 -17.58 -2.54
C ILE D 169 1.10 -17.44 -1.66
N HIS D 170 -0.10 -17.48 -2.26
CA HIS D 170 -1.32 -17.33 -1.49
C HIS D 170 -1.51 -18.47 -0.50
N ARG D 171 -0.95 -19.66 -0.81
CA ARG D 171 -1.04 -20.76 0.14
C ARG D 171 -0.21 -20.49 1.38
N VAL D 172 1.02 -19.98 1.21
CA VAL D 172 1.84 -19.63 2.36
C VAL D 172 1.24 -18.46 3.12
N LEU D 173 0.65 -17.50 2.41
CA LEU D 173 0.03 -16.36 3.06
C LEU D 173 -1.17 -16.78 3.92
N ASP D 174 -1.90 -17.81 3.49
CA ASP D 174 -2.98 -18.33 4.30
C ASP D 174 -2.47 -18.97 5.58
N LYS D 175 -1.29 -19.61 5.52
CA LYS D 175 -0.72 -20.21 6.72
C LYS D 175 -0.32 -19.16 7.74
N ILE D 176 0.25 -18.04 7.29
CA ILE D 176 0.62 -16.98 8.20
C ILE D 176 -0.62 -16.30 8.77
N THR D 177 -1.72 -16.26 8.00
CA THR D 177 -2.96 -15.73 8.52
C THR D 177 -3.48 -16.58 9.67
N ASP D 178 -3.46 -17.91 9.50
CA ASP D 178 -3.81 -18.80 10.59
C ASP D 178 -2.84 -18.63 11.76
N THR D 179 -1.56 -18.43 11.46
CA THR D 179 -0.56 -18.23 12.51
C THR D 179 -0.83 -16.95 13.29
N LEU D 180 -1.21 -15.87 12.58
CA LEU D 180 -1.56 -14.63 13.26
C LEU D 180 -2.76 -14.83 14.18
N ILE D 181 -3.84 -15.39 13.63
CA ILE D 181 -5.06 -15.61 14.43
C ILE D 181 -4.75 -16.52 15.61
N HIS D 182 -3.90 -17.53 15.41
CA HIS D 182 -3.51 -18.41 16.50
C HIS D 182 -2.85 -17.63 17.63
N LEU D 183 -2.04 -16.62 17.27
CA LEU D 183 -1.35 -15.84 18.29
C LEU D 183 -2.32 -14.94 19.05
N MET D 184 -3.37 -14.45 18.39
CA MET D 184 -4.36 -13.64 19.09
C MET D 184 -5.19 -14.46 20.05
N ALA D 185 -5.39 -15.75 19.75
CA ALA D 185 -6.10 -16.62 20.68
C ALA D 185 -5.28 -16.86 21.94
N LYS D 186 -3.98 -17.10 21.80
CA LYS D 186 -3.11 -17.29 22.96
C LYS D 186 -3.04 -16.05 23.83
N ALA D 187 -3.39 -14.89 23.28
CA ALA D 187 -3.45 -13.65 24.04
C ALA D 187 -4.78 -13.47 24.76
N GLY D 188 -5.65 -14.48 24.72
CA GLY D 188 -6.94 -14.40 25.39
C GLY D 188 -7.98 -13.55 24.69
N LEU D 189 -7.75 -13.16 23.45
CA LEU D 189 -8.71 -12.33 22.73
C LEU D 189 -9.94 -13.16 22.34
N THR D 190 -11.07 -12.49 22.23
CA THR D 190 -12.29 -13.13 21.79
C THR D 190 -12.28 -13.31 20.27
N LEU D 191 -13.29 -14.03 19.78
CA LEU D 191 -13.40 -14.23 18.33
C LEU D 191 -13.61 -12.91 17.62
N GLN D 192 -14.48 -12.04 18.15
CA GLN D 192 -14.68 -10.72 17.54
C GLN D 192 -13.42 -9.88 17.62
N GLN D 193 -12.74 -9.91 18.77
CA GLN D 193 -11.50 -9.16 18.92
C GLN D 193 -10.40 -9.69 18.00
N GLN D 194 -10.51 -10.93 17.53
CA GLN D 194 -9.47 -11.49 16.68
C GLN D 194 -9.53 -10.95 15.27
N HIS D 195 -10.73 -10.89 14.67
CA HIS D 195 -10.81 -10.39 13.30
C HIS D 195 -10.58 -8.88 13.25
N GLN D 196 -10.86 -8.16 14.33
CA GLN D 196 -10.63 -6.73 14.36
C GLN D 196 -9.14 -6.41 14.45
N ARG D 197 -8.42 -7.10 15.34
CA ARG D 197 -6.99 -6.86 15.46
C ARG D 197 -6.26 -7.32 14.21
N LEU D 198 -6.67 -8.45 13.62
CA LEU D 198 -6.07 -8.89 12.37
C LEU D 198 -6.28 -7.86 11.27
N ALA D 199 -7.43 -7.19 11.27
CA ALA D 199 -7.70 -6.17 10.27
C ALA D 199 -6.83 -4.93 10.50
N GLN D 200 -6.68 -4.51 11.76
CA GLN D 200 -5.86 -3.33 12.05
C GLN D 200 -4.40 -3.57 11.70
N LEU D 201 -3.91 -4.80 11.90
CA LEU D 201 -2.52 -5.10 11.60
C LEU D 201 -2.27 -5.04 10.09
N LEU D 202 -3.13 -5.66 9.30
CA LEU D 202 -2.95 -5.68 7.85
C LEU D 202 -3.22 -4.32 7.22
N LEU D 203 -4.03 -3.47 7.87
CA LEU D 203 -4.26 -2.14 7.32
C LEU D 203 -3.03 -1.26 7.43
N ILE D 204 -2.19 -1.48 8.46
CA ILE D 204 -0.95 -0.75 8.57
C ILE D 204 0.04 -1.17 7.49
N LEU D 205 -0.09 -2.39 6.98
CA LEU D 205 0.76 -2.80 5.86
C LEU D 205 0.54 -1.94 4.62
N SER D 206 -0.66 -1.36 4.49
CA SER D 206 -0.90 -0.42 3.41
C SER D 206 -0.11 0.87 3.62
N HIS D 207 -0.07 1.36 4.85
CA HIS D 207 0.71 2.57 5.14
C HIS D 207 2.20 2.33 5.00
N ILE D 208 2.66 1.12 5.32
CA ILE D 208 4.08 0.80 5.12
C ILE D 208 4.42 0.76 3.64
N ARG D 209 3.52 0.19 2.84
CA ARG D 209 3.69 0.23 1.38
C ARG D 209 3.78 1.66 0.88
N HIS D 210 2.93 2.54 1.41
CA HIS D 210 2.96 3.95 1.01
C HIS D 210 4.26 4.62 1.44
N MET D 211 4.76 4.28 2.62
CA MET D 211 6.02 4.86 3.09
C MET D 211 7.19 4.45 2.20
N SER D 212 7.20 3.20 1.75
CA SER D 212 8.29 2.72 0.91
C SER D 212 8.31 3.44 -0.43
N ASN D 213 7.14 3.68 -1.02
CA ASN D 213 7.09 4.39 -2.29
C ASN D 213 7.54 5.85 -2.14
N LYS D 214 7.18 6.48 -1.03
CA LYS D 214 7.63 7.84 -0.79
C LYS D 214 9.12 7.88 -0.50
N GLY D 215 9.64 6.89 0.23
CA GLY D 215 11.06 6.85 0.50
C GLY D 215 11.90 6.43 -0.71
N MET D 216 11.29 5.66 -1.62
CA MET D 216 12.01 5.27 -2.83
C MET D 216 12.24 6.47 -3.74
N GLU D 217 11.21 7.32 -3.92
CA GLU D 217 11.37 8.51 -4.75
C GLU D 217 12.32 9.51 -4.10
N HIS D 218 12.33 9.59 -2.77
CA HIS D 218 13.24 10.50 -2.09
C HIS D 218 14.69 10.07 -2.27
N LEU D 219 14.97 8.78 -2.08
CA LEU D 219 16.33 8.29 -2.25
C LEU D 219 16.81 8.44 -3.69
N TYR D 220 15.90 8.34 -4.65
CA TYR D 220 16.27 8.53 -6.05
C TYR D 220 16.70 9.97 -6.31
N SER D 221 15.97 10.94 -5.74
CA SER D 221 16.35 12.34 -5.91
C SER D 221 17.67 12.66 -5.22
N MET D 222 17.94 12.02 -4.08
CA MET D 222 19.21 12.23 -3.40
C MET D 222 20.38 11.74 -4.24
N LYS D 223 20.19 10.62 -4.95
CA LYS D 223 21.24 10.13 -5.84
C LYS D 223 21.41 11.04 -7.04
N CYS D 224 20.31 11.53 -7.61
CA CYS D 224 20.39 12.38 -8.78
C CYS D 224 20.97 13.75 -8.45
N LYS D 225 20.83 14.19 -7.21
CA LYS D 225 21.38 15.47 -6.77
C LYS D 225 22.82 15.36 -6.29
N ASN D 226 23.45 14.20 -6.47
CA ASN D 226 24.83 13.95 -6.02
C ASN D 226 24.99 14.20 -4.52
N VAL D 227 23.90 14.06 -3.76
CA VAL D 227 23.97 14.27 -2.32
C VAL D 227 24.81 13.17 -1.67
N VAL D 228 24.50 11.91 -1.98
CA VAL D 228 25.26 10.78 -1.47
C VAL D 228 25.46 9.75 -2.56
N PRO D 229 26.67 9.25 -2.76
CA PRO D 229 26.85 8.07 -3.61
C PRO D 229 26.17 6.87 -2.98
N LEU D 230 25.71 5.96 -3.84
CA LEU D 230 25.00 4.77 -3.39
C LEU D 230 25.87 3.54 -3.64
N TYR D 231 26.00 2.71 -2.62
CA TYR D 231 26.75 1.47 -2.75
C TYR D 231 26.08 0.56 -3.76
N ASP D 232 26.88 -0.36 -4.32
CA ASP D 232 26.45 -1.11 -5.50
C ASP D 232 25.19 -1.93 -5.23
N LEU D 233 25.10 -2.57 -4.07
CA LEU D 233 23.91 -3.35 -3.76
C LEU D 233 22.69 -2.45 -3.56
N LEU D 234 22.84 -1.42 -2.73
CA LEU D 234 21.74 -0.46 -2.54
C LEU D 234 21.39 0.24 -3.84
N LEU D 235 22.39 0.51 -4.68
CA LEU D 235 22.12 1.09 -5.99
C LEU D 235 21.26 0.16 -6.84
N GLU D 236 21.57 -1.14 -6.82
CA GLU D 236 20.82 -2.08 -7.65
C GLU D 236 19.41 -2.28 -7.12
N MET D 237 19.23 -2.25 -5.80
CA MET D 237 17.89 -2.37 -5.24
C MET D 237 17.02 -1.18 -5.62
N LEU D 238 17.59 0.03 -5.59
CA LEU D 238 16.83 1.21 -5.98
C LEU D 238 16.59 1.24 -7.49
N ASP D 239 17.59 0.83 -8.28
CA ASP D 239 17.47 0.87 -9.73
C ASP D 239 16.43 -0.10 -10.26
N ALA D 240 16.00 -1.07 -9.47
CA ALA D 240 15.02 -2.04 -9.91
C ALA D 240 13.62 -1.45 -10.04
N HIS D 241 13.41 -0.20 -9.60
CA HIS D 241 12.10 0.42 -9.63
C HIS D 241 11.95 1.49 -10.70
N ARG D 242 13.04 2.08 -11.16
CA ARG D 242 12.98 3.13 -12.17
C ARG D 242 12.56 2.58 -13.53
C1 B81 E . -9.34 7.34 -14.79
C2 B81 E . -10.79 7.11 -14.31
C3 B81 E . -11.04 5.65 -13.92
O3 B81 E . -12.33 5.56 -13.34
C4 B81 E . -9.96 5.23 -12.91
C5 B81 E . -8.49 5.45 -13.38
C6 B81 E . -7.51 4.57 -13.46
C7 B81 E . -6.09 4.85 -13.95
C8 B81 E . -5.65 6.36 -13.97
C9 B81 E . -6.80 7.14 -14.62
C10 B81 E . -8.22 6.92 -13.83
C11 B81 E . -6.39 8.65 -14.85
C12 B81 E . -5.01 8.97 -15.50
C13 B81 E . -3.92 8.26 -14.72
C14 B81 E . -4.30 6.73 -14.70
C15 B81 E . -2.93 6.19 -14.23
C16 B81 E . -1.83 6.99 -14.97
C17 B81 E . -2.49 8.34 -15.36
O17 B81 E . -1.81 9.43 -14.78
C18 B81 E . -3.97 8.95 -13.36
C19 B81 E . -8.32 7.82 -12.58
C1 B81 F . 17.63 3.18 6.63
C2 B81 F . 17.86 1.85 7.39
C3 B81 F . 16.75 1.60 8.42
O3 B81 F . 16.94 0.30 8.95
C4 B81 F . 15.39 1.69 7.70
C5 B81 F . 15.14 3.01 6.91
C6 B81 F . 14.11 3.83 7.00
C7 B81 F . 13.92 5.13 6.19
C8 B81 F . 14.84 5.30 4.91
C9 B81 F . 16.26 4.87 5.32
C10 B81 F . 16.27 3.34 5.91
C11 B81 F . 17.27 5.15 4.16
C12 B81 F . 17.29 6.58 3.50
C13 B81 F . 15.88 6.90 3.03
C14 B81 F . 14.91 6.75 4.25
C15 B81 F . 13.68 7.43 3.64
C16 B81 F . 14.18 8.62 2.77
C17 B81 F . 15.69 8.37 2.52
O17 B81 F . 16.01 8.43 1.16
C18 B81 F . 15.66 5.89 1.91
C19 B81 F . 16.23 2.30 4.77
#